data_3SM2
#
_entry.id   3SM2
#
_cell.length_a   46.572
_cell.length_b   65.099
_cell.length_c   69.161
_cell.angle_alpha   90.00
_cell.angle_beta   90.00
_cell.angle_gamma   90.00
#
_symmetry.space_group_name_H-M   'P 21 21 21'
#
loop_
_entity.id
_entity.type
_entity.pdbx_description
1 polymer 'gag-pro-pol polyprotein'
2 non-polymer '{3-[(4-AMINO-BENZENESULFONYL)-ISOBUTYL-AMINO]-1-BENZYL-2-HYDROXY-PROPYL}-CARBAMIC ACID TETRAHYDRO-FURAN-3-YL ESTER'
3 water water
#
_entity_poly.entity_id   1
_entity_poly.type   'polypeptide(L)'
_entity_poly.pdbx_seq_one_letter_code
;MHHHHHHTLGDQGGQGQEPPPEPRITLKVGGQPVTFLVDTGAQHSVLTQNPGPLSDKSAWVQGATGGKRYRWTTDRKVHL
ATGKVTHSFLHVPDCPYPLLGRDLLTKLKAQIHFEGSGAQVVGPMGQPLQVL
;
_entity_poly.pdbx_strand_id   A,B
#
loop_
_chem_comp.id
_chem_comp.type
_chem_comp.name
_chem_comp.formula
478 non-polymer '{3-[(4-AMINO-BENZENESULFONYL)-ISOBUTYL-AMINO]-1-BENZYL-2-HYDROXY-PROPYL}-CARBAMIC ACID TETRAHYDRO-FURAN-3-YL ESTER' 'C25 H35 N3 O6 S'
#
# COMPACT_ATOMS: atom_id res chain seq x y z
N GLU A 18 2.47 -0.94 -18.23
CA GLU A 18 2.57 0.53 -17.95
C GLU A 18 1.65 0.98 -16.78
N PRO A 19 0.30 0.79 -16.90
CA PRO A 19 -0.64 1.31 -15.89
C PRO A 19 -0.66 0.49 -14.61
N PRO A 20 -0.81 1.16 -13.44
CA PRO A 20 -0.84 0.43 -12.18
C PRO A 20 -2.10 -0.42 -11.97
N PRO A 21 -2.03 -1.45 -11.11
CA PRO A 21 -3.23 -2.22 -10.79
C PRO A 21 -4.15 -1.41 -9.91
N GLU A 22 -5.38 -1.87 -9.72
CA GLU A 22 -6.28 -1.24 -8.74
C GLU A 22 -5.78 -1.56 -7.32
N PRO A 23 -6.01 -0.66 -6.33
CA PRO A 23 -6.68 0.63 -6.44
C PRO A 23 -5.76 1.65 -7.12
N ARG A 24 -6.29 2.30 -8.16
CA ARG A 24 -5.58 3.36 -8.85
C ARG A 24 -6.47 4.60 -8.99
N ILE A 25 -5.82 5.75 -9.17
CA ILE A 25 -6.54 7.01 -9.32
C ILE A 25 -5.71 7.95 -10.18
N THR A 26 -6.36 8.72 -11.06
CA THR A 26 -5.65 9.70 -11.87
C THR A 26 -5.86 11.10 -11.29
N LEU A 27 -4.77 11.84 -11.12
CA LEU A 27 -4.86 13.20 -10.60
C LEU A 27 -4.10 14.11 -11.51
N LYS A 28 -4.58 15.35 -11.62
CA LYS A 28 -3.84 16.36 -12.31
C LYS A 28 -2.75 16.85 -11.35
N VAL A 29 -1.52 16.69 -11.79
CA VAL A 29 -0.36 17.05 -10.97
C VAL A 29 0.48 17.99 -11.80
N GLY A 30 0.53 19.26 -11.41
CA GLY A 30 1.22 20.30 -12.17
C GLY A 30 0.73 20.37 -13.62
N GLY A 31 -0.57 20.36 -13.81
CA GLY A 31 -1.16 20.45 -15.15
C GLY A 31 -0.91 19.27 -16.07
N GLN A 32 -0.62 18.10 -15.50
CA GLN A 32 -0.51 16.88 -16.30
C GLN A 32 -1.22 15.76 -15.54
N PRO A 33 -1.93 14.86 -16.26
CA PRO A 33 -2.49 13.69 -15.58
C PRO A 33 -1.42 12.67 -15.18
N VAL A 34 -1.56 12.13 -13.97
CA VAL A 34 -0.68 11.07 -13.47
C VAL A 34 -1.57 10.02 -12.88
N THR A 35 -1.40 8.78 -13.33
CA THR A 35 -2.17 7.67 -12.81
C THR A 35 -1.31 6.95 -11.77
N PHE A 36 -1.78 7.01 -10.53
CA PHE A 36 -1.06 6.47 -9.36
C PHE A 36 -1.63 5.14 -8.92
N LEU A 37 -0.74 4.27 -8.44
CA LEU A 37 -1.16 3.18 -7.57
C LEU A 37 -1.46 3.80 -6.21
N VAL A 38 -2.67 3.60 -5.71
CA VAL A 38 -3.03 4.07 -4.35
C VAL A 38 -2.32 3.14 -3.37
N ASP A 39 -1.40 3.69 -2.58
CA ASP A 39 -0.42 2.86 -1.85
C ASP A 39 -0.40 3.19 -0.36
N THR A 40 -1.21 2.48 0.44
CA THR A 40 -1.31 2.76 1.88
C THR A 40 -0.02 2.39 2.62
N GLY A 41 0.85 1.61 1.98
CA GLY A 41 2.13 1.24 2.61
C GLY A 41 3.26 2.21 2.32
N ALA A 42 2.97 3.24 1.53
CA ALA A 42 3.96 4.25 1.17
C ALA A 42 3.78 5.49 2.04
N GLN A 43 4.82 5.84 2.78
CA GLN A 43 4.75 7.00 3.65
C GLN A 43 4.67 8.29 2.80
N HIS A 44 5.40 8.33 1.70
CA HIS A 44 5.36 9.54 0.84
C HIS A 44 4.99 9.15 -0.59
N SER A 45 4.49 10.11 -1.33
CA SER A 45 4.04 9.88 -2.71
C SER A 45 5.23 10.00 -3.65
N VAL A 46 5.14 9.31 -4.77
CA VAL A 46 6.27 9.06 -5.68
C VAL A 46 5.90 9.34 -7.12
N LEU A 47 6.79 10.05 -7.83
CA LEU A 47 6.70 10.14 -9.30
C LEU A 47 7.86 9.35 -9.90
N THR A 48 7.66 8.77 -11.08
CA THR A 48 8.69 7.88 -11.60
C THR A 48 9.37 8.36 -12.86
N GLN A 49 8.58 8.87 -13.80
CA GLN A 49 9.13 9.30 -15.08
C GLN A 49 8.58 10.67 -15.35
N ASN A 50 9.30 11.47 -16.12
CA ASN A 50 8.90 12.84 -16.31
C ASN A 50 8.39 13.53 -15.00
N PRO A 51 9.23 13.59 -13.95
CA PRO A 51 8.81 14.19 -12.67
C PRO A 51 8.75 15.74 -12.69
N GLY A 52 9.14 16.34 -13.81
CA GLY A 52 9.32 17.82 -13.84
C GLY A 52 10.56 18.25 -13.05
N PRO A 53 10.73 19.57 -12.86
CA PRO A 53 11.90 20.14 -12.17
C PRO A 53 12.16 19.52 -10.80
N LEU A 54 13.43 19.28 -10.49
CA LEU A 54 13.78 18.61 -9.24
C LEU A 54 14.39 19.63 -8.30
N SER A 55 14.20 19.39 -7.02
CA SER A 55 14.81 20.25 -6.01
C SER A 55 16.22 19.74 -5.71
N ASP A 56 16.94 20.45 -4.85
CA ASP A 56 18.30 20.11 -4.47
C ASP A 56 18.32 19.15 -3.29
N LYS A 57 17.15 18.90 -2.71
CA LYS A 57 17.06 18.15 -1.47
C LYS A 57 16.67 16.70 -1.72
N SER A 58 17.06 15.84 -0.79
CA SER A 58 16.90 14.41 -1.00
C SER A 58 16.46 13.74 0.29
N ALA A 59 16.06 12.48 0.18
CA ALA A 59 15.62 11.73 1.32
C ALA A 59 16.02 10.28 1.13
N TRP A 60 16.27 9.61 2.25
CA TRP A 60 16.54 8.18 2.23
C TRP A 60 15.20 7.46 2.14
N VAL A 61 15.04 6.56 1.19
CA VAL A 61 13.81 5.80 1.05
C VAL A 61 14.07 4.34 1.39
N GLN A 62 13.35 3.81 2.37
CA GLN A 62 13.44 2.38 2.68
C GLN A 62 12.36 1.66 1.88
N GLY A 63 12.79 0.76 1.00
CA GLY A 63 11.85 -0.08 0.27
C GLY A 63 11.86 -1.48 0.88
N ALA A 64 11.03 -2.36 0.30
CA ALA A 64 10.90 -3.75 0.76
C ALA A 64 12.18 -4.57 0.62
N THR A 65 13.04 -4.19 -0.34
CA THR A 65 14.22 -5.01 -0.70
C THR A 65 15.54 -4.31 -0.38
N GLY A 66 15.47 -3.08 0.12
CA GLY A 66 16.68 -2.30 0.40
C GLY A 66 16.33 -0.82 0.50
N GLY A 67 17.34 0.05 0.52
CA GLY A 67 17.13 1.51 0.68
C GLY A 67 18.05 2.27 -0.24
N LYS A 68 17.64 3.48 -0.63
CA LYS A 68 18.45 4.27 -1.57
C LYS A 68 18.08 5.72 -1.37
N ARG A 69 18.99 6.64 -1.70
CA ARG A 69 18.70 8.06 -1.58
C ARG A 69 17.99 8.57 -2.87
N TYR A 70 16.94 9.37 -2.71
CA TYR A 70 16.24 9.95 -3.88
C TYR A 70 15.96 11.44 -3.72
N ARG A 71 15.81 12.13 -4.85
CA ARG A 71 15.53 13.54 -4.81
C ARG A 71 14.04 13.88 -4.72
N TRP A 72 13.74 14.97 -4.00
CA TRP A 72 12.39 15.56 -4.00
C TRP A 72 12.19 16.38 -5.25
N THR A 73 10.98 16.38 -5.79
CA THR A 73 10.61 17.32 -6.87
C THR A 73 10.42 18.70 -6.25
N THR A 74 10.37 19.73 -7.11
CA THR A 74 9.88 21.03 -6.64
C THR A 74 8.35 20.89 -6.37
N ASP A 75 7.74 21.95 -5.85
CA ASP A 75 6.32 21.89 -5.42
C ASP A 75 5.40 21.76 -6.64
N ARG A 76 4.37 20.92 -6.53
CA ARG A 76 3.38 20.76 -7.60
C ARG A 76 2.01 21.07 -7.07
N LYS A 77 1.17 21.69 -7.90
CA LYS A 77 -0.25 21.79 -7.55
C LYS A 77 -0.92 20.45 -7.85
N VAL A 78 -1.64 19.92 -6.86
CA VAL A 78 -2.24 18.60 -6.99
C VAL A 78 -3.75 18.75 -6.86
N HIS A 79 -4.50 18.38 -7.89
CA HIS A 79 -5.94 18.66 -7.90
C HIS A 79 -6.76 17.54 -7.25
N LEU A 80 -6.78 17.50 -5.92
CA LEU A 80 -7.55 16.52 -5.16
C LEU A 80 -9.05 16.84 -5.18
N ALA A 81 -9.88 15.80 -5.14
CA ALA A 81 -11.34 16.03 -5.10
C ALA A 81 -11.72 16.91 -3.91
N THR A 82 -10.94 16.86 -2.82
CA THR A 82 -11.23 17.65 -1.62
C THR A 82 -10.79 19.11 -1.73
N GLY A 83 -10.13 19.43 -2.84
CA GLY A 83 -9.60 20.78 -3.13
C GLY A 83 -8.12 20.70 -3.45
N LYS A 84 -7.65 21.61 -4.29
CA LYS A 84 -6.25 21.67 -4.74
C LYS A 84 -5.31 21.98 -3.57
N VAL A 85 -4.15 21.31 -3.57
CA VAL A 85 -3.08 21.56 -2.57
C VAL A 85 -1.74 21.57 -3.27
N THR A 86 -0.70 22.03 -2.57
CA THR A 86 0.65 21.95 -3.04
C THR A 86 1.31 20.75 -2.41
N HIS A 87 2.07 20.02 -3.22
CA HIS A 87 2.78 18.85 -2.74
C HIS A 87 4.10 18.62 -3.49
N SER A 88 5.10 18.16 -2.76
CA SER A 88 6.37 17.73 -3.38
C SER A 88 6.43 16.20 -3.37
N PHE A 89 6.93 15.61 -4.44
CA PHE A 89 7.00 14.15 -4.57
C PHE A 89 8.44 13.66 -4.54
N LEU A 90 8.64 12.39 -4.17
CA LEU A 90 9.95 11.78 -4.36
C LEU A 90 10.04 11.30 -5.81
N HIS A 91 11.16 11.57 -6.45
CA HIS A 91 11.43 11.04 -7.75
C HIS A 91 12.19 9.74 -7.61
N VAL A 92 11.49 8.64 -7.90
CA VAL A 92 12.00 7.29 -7.68
C VAL A 92 11.93 6.56 -9.02
N PRO A 93 12.96 6.76 -9.86
CA PRO A 93 12.94 6.09 -11.18
C PRO A 93 13.00 4.55 -11.09
N ASP A 94 13.44 4.00 -9.95
CA ASP A 94 13.50 2.54 -9.73
C ASP A 94 12.13 1.94 -9.51
N CYS A 95 11.15 2.79 -9.24
CA CYS A 95 9.85 2.32 -8.80
C CYS A 95 8.97 2.01 -10.03
N PRO A 96 8.28 0.84 -10.00
CA PRO A 96 7.43 0.37 -11.10
C PRO A 96 6.38 1.38 -11.62
N TYR A 97 5.74 2.18 -10.76
CA TYR A 97 4.80 3.24 -11.22
C TYR A 97 4.63 4.29 -10.12
N PRO A 98 3.96 5.43 -10.44
CA PRO A 98 3.81 6.46 -9.40
C PRO A 98 2.96 5.97 -8.24
N LEU A 99 3.28 6.45 -7.04
CA LEU A 99 2.60 5.96 -5.84
C LEU A 99 1.87 7.10 -5.12
N LEU A 100 0.58 6.92 -4.83
CA LEU A 100 -0.15 7.87 -4.02
C LEU A 100 -0.13 7.34 -2.58
N GLY A 101 0.71 7.94 -1.74
CA GLY A 101 0.93 7.41 -0.38
C GLY A 101 0.12 8.11 0.70
N ARG A 102 0.45 7.82 1.97
CA ARG A 102 -0.37 8.26 3.08
C ARG A 102 -0.33 9.77 3.23
N ASP A 103 0.77 10.38 2.81
CA ASP A 103 0.87 11.85 2.88
C ASP A 103 -0.26 12.55 2.14
N LEU A 104 -0.71 11.99 1.01
CA LEU A 104 -1.81 12.61 0.27
C LEU A 104 -3.15 11.95 0.55
N LEU A 105 -3.14 10.67 0.90
CA LEU A 105 -4.40 10.00 1.23
C LEU A 105 -5.03 10.66 2.45
N THR A 106 -4.21 11.15 3.36
CA THR A 106 -4.72 11.80 4.56
C THR A 106 -5.41 13.11 4.21
N LYS A 107 -4.90 13.77 3.16
CA LYS A 107 -5.47 15.04 2.72
C LYS A 107 -6.75 14.79 1.96
N LEU A 108 -6.73 13.76 1.11
CA LEU A 108 -7.90 13.38 0.33
C LEU A 108 -9.01 12.79 1.21
N LYS A 109 -8.63 12.25 2.37
CA LYS A 109 -9.57 11.58 3.28
C LYS A 109 -10.28 10.46 2.52
N ALA A 110 -9.52 9.74 1.69
CA ALA A 110 -10.06 8.69 0.81
C ALA A 110 -10.55 7.46 1.57
N GLN A 111 -11.48 6.75 0.96
CA GLN A 111 -11.84 5.38 1.36
C GLN A 111 -11.49 4.46 0.22
N ILE A 112 -10.97 3.29 0.56
CA ILE A 112 -10.60 2.33 -0.45
C ILE A 112 -11.42 1.08 -0.18
N HIS A 113 -12.17 0.65 -1.18
CA HIS A 113 -13.10 -0.48 -1.05
C HIS A 113 -12.66 -1.66 -1.90
N PHE A 114 -12.40 -2.80 -1.28
CA PHE A 114 -12.14 -4.02 -2.05
C PHE A 114 -13.42 -4.77 -2.28
N GLU A 115 -13.74 -5.01 -3.55
CA GLU A 115 -15.02 -5.59 -3.98
C GLU A 115 -14.91 -6.28 -5.33
N GLY A 116 -15.33 -7.55 -5.38
CA GLY A 116 -15.04 -8.39 -6.53
C GLY A 116 -13.57 -8.75 -6.50
N SER A 117 -12.90 -8.61 -7.66
CA SER A 117 -11.48 -8.89 -7.80
C SER A 117 -10.64 -7.59 -7.92
N GLY A 118 -11.30 -6.44 -7.74
CA GLY A 118 -10.65 -5.15 -7.82
C GLY A 118 -10.92 -4.26 -6.61
N ALA A 119 -10.68 -2.98 -6.77
CA ALA A 119 -10.74 -2.06 -5.64
C ALA A 119 -11.08 -0.69 -6.21
N GLN A 120 -11.92 0.04 -5.49
CA GLN A 120 -12.32 1.38 -5.92
C GLN A 120 -12.09 2.43 -4.83
N VAL A 121 -11.77 3.64 -5.27
CA VAL A 121 -11.51 4.73 -4.34
C VAL A 121 -12.75 5.61 -4.31
N VAL A 122 -13.13 6.05 -3.12
CA VAL A 122 -14.25 6.96 -2.93
C VAL A 122 -13.80 8.10 -2.01
N GLY A 123 -14.46 9.24 -2.11
CA GLY A 123 -14.07 10.40 -1.32
C GLY A 123 -14.72 10.46 0.05
N PRO A 124 -14.41 11.52 0.81
CA PRO A 124 -14.89 11.64 2.18
C PRO A 124 -16.42 11.84 2.27
N MET A 125 -17.06 12.20 1.17
CA MET A 125 -18.52 12.33 1.12
C MET A 125 -19.18 11.05 0.61
N GLY A 126 -18.37 10.04 0.30
CA GLY A 126 -18.85 8.77 -0.26
C GLY A 126 -19.00 8.79 -1.77
N GLN A 127 -18.60 9.89 -2.40
CA GLN A 127 -18.62 10.00 -3.85
C GLN A 127 -17.52 9.13 -4.46
N PRO A 128 -17.86 8.33 -5.49
CA PRO A 128 -16.85 7.55 -6.22
C PRO A 128 -15.82 8.46 -6.85
N LEU A 129 -14.53 8.12 -6.73
CA LEU A 129 -13.47 8.89 -7.38
C LEU A 129 -13.01 8.25 -8.70
N GLN A 130 -13.90 7.46 -9.30
CA GLN A 130 -13.62 6.70 -10.53
C GLN A 130 -14.77 5.73 -10.89
N VAL A 131 -14.50 4.88 -11.90
CA VAL A 131 -15.40 3.81 -12.39
C VAL A 131 -16.34 4.31 -13.50
N GLU B 18 7.07 -2.27 18.75
CA GLU B 18 6.71 -1.04 17.98
C GLU B 18 5.71 -1.44 16.88
N PRO B 19 4.50 -0.83 16.89
CA PRO B 19 3.58 -1.28 15.85
C PRO B 19 3.91 -0.63 14.51
N PRO B 20 3.47 -1.24 13.39
CA PRO B 20 3.48 -0.52 12.11
C PRO B 20 2.61 0.76 12.15
N PRO B 21 2.81 1.68 11.21
CA PRO B 21 1.92 2.83 11.15
C PRO B 21 0.50 2.39 10.77
N GLU B 22 -0.50 3.24 11.03
CA GLU B 22 -1.84 2.98 10.49
C GLU B 22 -1.82 3.22 8.98
N PRO B 23 -2.70 2.55 8.22
CA PRO B 23 -3.70 1.58 8.63
C PRO B 23 -3.06 0.25 9.00
N ARG B 24 -3.48 -0.33 10.12
CA ARG B 24 -2.90 -1.61 10.52
C ARG B 24 -3.97 -2.55 11.05
N ILE B 25 -3.68 -3.85 11.05
CA ILE B 25 -4.64 -4.84 11.53
C ILE B 25 -3.88 -6.03 12.12
N THR B 26 -4.45 -6.65 13.15
CA THR B 26 -3.86 -7.84 13.75
C THR B 26 -4.69 -9.07 13.38
N LEU B 27 -4.06 -10.07 12.78
CA LEU B 27 -4.73 -11.33 12.38
C LEU B 27 -3.94 -12.50 12.97
N LYS B 28 -4.66 -13.56 13.33
CA LYS B 28 -3.97 -14.78 13.76
C LYS B 28 -3.43 -15.52 12.53
N VAL B 29 -2.12 -15.79 12.56
CA VAL B 29 -1.48 -16.57 11.50
C VAL B 29 -0.76 -17.74 12.13
N GLY B 30 -1.06 -18.96 11.66
CA GLY B 30 -0.42 -20.16 12.23
C GLY B 30 -0.75 -20.33 13.71
N GLY B 31 -1.81 -19.66 14.17
CA GLY B 31 -2.27 -19.75 15.56
C GLY B 31 -1.94 -18.57 16.48
N GLN B 32 -1.15 -17.61 15.99
CA GLN B 32 -0.70 -16.50 16.83
C GLN B 32 -0.83 -15.13 16.11
N PRO B 33 -1.09 -14.07 16.88
CA PRO B 33 -1.35 -12.76 16.26
C PRO B 33 -0.15 -12.14 15.56
N VAL B 34 -0.41 -11.56 14.39
CA VAL B 34 0.60 -10.81 13.66
C VAL B 34 -0.04 -9.45 13.35
N THR B 35 0.69 -8.36 13.64
CA THR B 35 0.19 -7.03 13.33
C THR B 35 0.83 -6.57 12.02
N PHE B 36 -0.04 -6.35 11.02
CA PHE B 36 0.34 -5.99 9.66
C PHE B 36 0.14 -4.52 9.41
N LEU B 37 1.06 -3.89 8.67
CA LEU B 37 0.71 -2.69 7.94
C LEU B 37 -0.21 -3.07 6.79
N VAL B 38 -1.40 -2.47 6.73
CA VAL B 38 -2.33 -2.74 5.61
C VAL B 38 -1.79 -1.99 4.39
N ASP B 39 -1.49 -2.75 3.33
CA ASP B 39 -0.70 -2.18 2.23
C ASP B 39 -1.32 -2.46 0.87
N THR B 40 -2.08 -1.49 0.35
CA THR B 40 -2.68 -1.62 -0.97
C THR B 40 -1.66 -1.65 -2.10
N GLY B 41 -0.40 -1.30 -1.79
CA GLY B 41 0.68 -1.32 -2.79
C GLY B 41 1.37 -2.66 -2.92
N ALA B 42 0.99 -3.62 -2.07
CA ALA B 42 1.62 -4.95 -2.01
C ALA B 42 0.75 -5.91 -2.77
N GLN B 43 1.34 -6.59 -3.75
CA GLN B 43 0.61 -7.56 -4.55
C GLN B 43 0.31 -8.79 -3.67
N HIS B 44 1.32 -9.22 -2.89
CA HIS B 44 1.21 -10.39 -2.02
C HIS B 44 1.57 -9.99 -0.59
N SER B 45 0.91 -10.65 0.35
CA SER B 45 1.18 -10.45 1.79
C SER B 45 2.55 -10.98 2.24
N VAL B 46 3.11 -10.35 3.27
CA VAL B 46 4.53 -10.51 3.64
C VAL B 46 4.66 -10.73 5.14
N LEU B 47 5.50 -11.71 5.53
CA LEU B 47 5.96 -11.83 6.91
C LEU B 47 7.43 -11.52 6.91
N THR B 48 7.99 -11.20 8.08
CA THR B 48 9.39 -10.73 8.06
C THR B 48 10.34 -11.38 9.08
N GLN B 49 9.79 -12.11 10.04
CA GLN B 49 10.59 -12.62 11.15
C GLN B 49 10.12 -14.00 11.61
N ASN B 50 11.06 -14.95 11.68
CA ASN B 50 10.75 -16.31 12.17
C ASN B 50 9.48 -16.84 11.54
N PRO B 51 9.48 -16.95 10.20
CA PRO B 51 8.24 -17.21 9.51
C PRO B 51 7.68 -18.64 9.56
N GLY B 52 8.45 -19.56 10.12
CA GLY B 52 8.06 -20.97 10.12
C GLY B 52 8.53 -21.62 8.82
N PRO B 53 8.12 -22.86 8.58
CA PRO B 53 8.56 -23.63 7.42
C PRO B 53 8.39 -22.89 6.10
N LEU B 54 9.40 -23.03 5.23
CA LEU B 54 9.40 -22.33 3.94
C LEU B 54 9.26 -23.34 2.83
N SER B 55 8.58 -22.93 1.76
CA SER B 55 8.50 -23.72 0.52
C SER B 55 9.85 -23.68 -0.18
N ASP B 56 10.04 -24.56 -1.16
CA ASP B 56 11.18 -24.44 -2.03
C ASP B 56 10.99 -23.33 -3.07
N LYS B 57 9.77 -22.78 -3.16
CA LYS B 57 9.41 -21.83 -4.20
C LYS B 57 9.68 -20.39 -3.75
N SER B 58 9.96 -19.52 -4.72
CA SER B 58 10.26 -18.09 -4.47
C SER B 58 9.54 -17.20 -5.47
N ALA B 59 9.44 -15.90 -5.15
CA ALA B 59 8.91 -14.91 -6.07
C ALA B 59 9.90 -13.79 -6.21
N TRP B 60 9.95 -13.21 -7.40
CA TRP B 60 10.61 -11.95 -7.57
C TRP B 60 9.78 -10.81 -6.95
N VAL B 61 10.36 -10.07 -6.01
CA VAL B 61 9.64 -8.94 -5.39
C VAL B 61 10.24 -7.66 -5.93
N GLN B 62 9.43 -6.82 -6.56
CA GLN B 62 9.93 -5.57 -7.12
C GLN B 62 9.57 -4.46 -6.15
N GLY B 63 10.57 -3.97 -5.44
CA GLY B 63 10.34 -2.95 -4.43
C GLY B 63 10.53 -1.57 -5.03
N ALA B 64 10.39 -0.55 -4.19
CA ALA B 64 10.52 0.84 -4.62
C ALA B 64 11.94 1.15 -5.09
N THR B 65 12.92 0.45 -4.53
CA THR B 65 14.35 0.79 -4.71
C THR B 65 15.13 -0.29 -5.46
N GLY B 66 14.47 -1.39 -5.81
CA GLY B 66 15.15 -2.47 -6.50
C GLY B 66 14.33 -3.74 -6.38
N GLY B 67 14.86 -4.84 -6.88
CA GLY B 67 14.16 -6.12 -6.81
C GLY B 67 15.06 -7.25 -6.41
N LYS B 68 14.49 -8.29 -5.83
CA LYS B 68 15.20 -9.57 -5.67
C LYS B 68 14.20 -10.61 -5.21
N ARG B 69 14.65 -11.85 -5.10
CA ARG B 69 13.72 -12.94 -4.82
C ARG B 69 13.63 -13.28 -3.36
N TYR B 70 12.44 -13.71 -2.94
CA TYR B 70 12.18 -14.11 -1.56
C TYR B 70 11.39 -15.40 -1.57
N ARG B 71 11.52 -16.17 -0.50
CA ARG B 71 10.83 -17.45 -0.40
C ARG B 71 9.38 -17.32 0.01
N TRP B 72 8.56 -18.19 -0.57
CA TRP B 72 7.20 -18.40 -0.08
C TRP B 72 7.23 -19.29 1.16
N THR B 73 6.35 -19.00 2.12
CA THR B 73 6.15 -19.94 3.24
C THR B 73 5.29 -21.09 2.73
N THR B 74 5.28 -22.18 3.50
CA THR B 74 4.26 -23.18 3.31
C THR B 74 2.93 -22.59 3.77
N ASP B 75 1.84 -23.32 3.56
CA ASP B 75 0.51 -22.83 3.89
C ASP B 75 0.35 -22.51 5.38
N ARG B 76 -0.39 -21.45 5.65
CA ARG B 76 -0.71 -21.04 7.00
C ARG B 76 -2.20 -20.90 7.12
N LYS B 77 -2.72 -21.32 8.27
CA LYS B 77 -4.05 -20.96 8.68
C LYS B 77 -4.11 -19.49 9.11
N VAL B 78 -4.95 -18.71 8.43
CA VAL B 78 -5.17 -17.32 8.79
C VAL B 78 -6.63 -17.19 9.20
N HIS B 79 -6.85 -16.63 10.37
CA HIS B 79 -8.21 -16.38 10.84
C HIS B 79 -8.67 -15.00 10.34
N LEU B 80 -9.57 -15.00 9.36
CA LEU B 80 -10.16 -13.77 8.85
C LEU B 80 -11.53 -13.55 9.51
N ALA B 81 -12.30 -12.60 8.98
CA ALA B 81 -13.68 -12.37 9.45
C ALA B 81 -14.56 -13.59 9.15
N THR B 82 -14.44 -14.13 7.93
CA THR B 82 -15.25 -15.27 7.49
C THR B 82 -14.83 -16.58 8.18
N GLY B 83 -13.79 -16.51 8.99
CA GLY B 83 -13.18 -17.68 9.60
C GLY B 83 -11.81 -17.99 8.99
N LYS B 84 -11.49 -19.27 8.91
CA LYS B 84 -10.17 -19.70 8.48
C LYS B 84 -9.99 -19.72 6.95
N VAL B 85 -8.86 -19.18 6.50
CA VAL B 85 -8.38 -19.37 5.13
C VAL B 85 -6.97 -20.00 5.18
N THR B 86 -6.57 -20.71 4.13
CA THR B 86 -5.19 -21.18 3.99
C THR B 86 -4.46 -20.20 3.08
N HIS B 87 -3.35 -19.63 3.57
CA HIS B 87 -2.63 -18.61 2.78
C HIS B 87 -1.12 -18.80 2.87
N SER B 88 -0.42 -18.51 1.77
CA SER B 88 1.03 -18.57 1.76
C SER B 88 1.54 -17.13 1.78
N PHE B 89 2.60 -16.85 2.55
CA PHE B 89 3.16 -15.49 2.62
C PHE B 89 4.53 -15.47 2.04
N LEU B 90 4.97 -14.30 1.54
CA LEU B 90 6.38 -14.16 1.20
C LEU B 90 7.15 -13.82 2.46
N HIS B 91 8.31 -14.41 2.63
CA HIS B 91 9.14 -14.06 3.77
C HIS B 91 10.15 -13.06 3.27
N VAL B 92 10.03 -11.81 3.76
CA VAL B 92 10.87 -10.73 3.25
C VAL B 92 11.54 -10.10 4.46
N PRO B 93 12.73 -10.60 4.87
CA PRO B 93 13.36 -10.04 6.07
C PRO B 93 13.93 -8.65 5.87
N ASP B 94 13.95 -8.16 4.63
CA ASP B 94 14.41 -6.78 4.41
C ASP B 94 13.31 -5.73 4.69
N CYS B 95 12.08 -6.21 4.91
CA CYS B 95 10.94 -5.34 5.20
C CYS B 95 10.83 -5.11 6.69
N PRO B 96 10.54 -3.86 7.13
CA PRO B 96 10.51 -3.57 8.59
C PRO B 96 9.31 -4.16 9.35
N TYR B 97 8.21 -4.42 8.65
CA TYR B 97 7.07 -5.08 9.29
C TYR B 97 6.27 -5.88 8.27
N PRO B 98 5.45 -6.81 8.77
CA PRO B 98 4.61 -7.63 7.89
C PRO B 98 3.64 -6.71 7.18
N LEU B 99 3.25 -7.13 5.98
CA LEU B 99 2.37 -6.36 5.11
C LEU B 99 1.19 -7.18 4.71
N LEU B 100 -0.01 -6.63 4.91
CA LEU B 100 -1.22 -7.27 4.46
CA LEU B 100 -1.22 -7.27 4.46
C LEU B 100 -1.57 -6.65 3.12
N GLY B 101 -1.41 -7.45 2.06
CA GLY B 101 -1.53 -6.94 0.70
C GLY B 101 -2.88 -7.17 0.06
N ARG B 102 -2.91 -6.88 -1.23
CA ARG B 102 -4.15 -6.93 -2.00
C ARG B 102 -4.74 -8.31 -2.07
N ASP B 103 -3.89 -9.35 -2.08
CA ASP B 103 -4.36 -10.71 -1.97
C ASP B 103 -5.37 -10.88 -0.84
N LEU B 104 -4.95 -10.56 0.39
CA LEU B 104 -5.82 -10.78 1.54
C LEU B 104 -6.90 -9.68 1.73
N LEU B 105 -6.64 -8.48 1.24
CA LEU B 105 -7.64 -7.41 1.31
C LEU B 105 -8.85 -7.80 0.48
N THR B 106 -8.60 -8.45 -0.66
CA THR B 106 -9.67 -8.97 -1.53
C THR B 106 -10.43 -10.06 -0.78
N LYS B 107 -9.72 -11.04 -0.23
CA LYS B 107 -10.36 -12.10 0.57
C LYS B 107 -11.19 -11.55 1.74
N LEU B 108 -10.68 -10.51 2.40
CA LEU B 108 -11.40 -9.89 3.52
C LEU B 108 -12.53 -8.95 3.10
N LYS B 109 -12.60 -8.66 1.80
CA LYS B 109 -13.49 -7.62 1.23
C LYS B 109 -13.37 -6.33 2.05
N ALA B 110 -12.13 -5.94 2.32
CA ALA B 110 -11.88 -4.90 3.30
C ALA B 110 -12.09 -3.50 2.75
N GLN B 111 -12.37 -2.58 3.65
CA GLN B 111 -12.41 -1.14 3.36
C GLN B 111 -11.36 -0.43 4.18
N ILE B 112 -10.68 0.54 3.58
CA ILE B 112 -9.73 1.33 4.35
C ILE B 112 -10.22 2.78 4.32
N HIS B 113 -10.30 3.40 5.50
CA HIS B 113 -10.77 4.76 5.65
C HIS B 113 -9.71 5.71 6.22
N PHE B 114 -9.45 6.82 5.53
CA PHE B 114 -8.55 7.88 6.01
C PHE B 114 -9.31 9.10 6.56
N GLU B 115 -10.60 9.20 6.24
CA GLU B 115 -11.45 10.35 6.65
C GLU B 115 -11.63 10.50 8.16
N GLY B 116 -11.51 9.38 8.88
CA GLY B 116 -11.38 9.43 10.33
C GLY B 116 -9.99 9.97 10.67
N SER B 117 -9.74 10.21 11.96
CA SER B 117 -8.38 10.49 12.40
C SER B 117 -7.53 9.24 12.30
N GLY B 118 -6.37 9.39 11.67
CA GLY B 118 -5.51 8.28 11.33
C GLY B 118 -6.08 7.49 10.17
N ALA B 119 -5.90 6.18 10.19
CA ALA B 119 -6.46 5.34 9.15
C ALA B 119 -6.99 4.09 9.80
N GLN B 120 -8.18 3.66 9.40
CA GLN B 120 -8.83 2.48 9.99
C GLN B 120 -9.22 1.48 8.93
N VAL B 121 -9.24 0.19 9.29
CA VAL B 121 -9.60 -0.86 8.35
C VAL B 121 -10.82 -1.60 8.87
N VAL B 122 -11.81 -1.79 8.01
CA VAL B 122 -13.08 -2.42 8.39
C VAL B 122 -13.50 -3.48 7.37
N GLY B 123 -14.52 -4.28 7.68
CA GLY B 123 -15.02 -5.27 6.74
C GLY B 123 -15.92 -4.71 5.66
N PRO B 124 -16.47 -5.62 4.83
CA PRO B 124 -17.30 -5.30 3.67
C PRO B 124 -18.53 -4.49 4.03
N MET B 125 -18.95 -4.54 5.29
CA MET B 125 -20.08 -3.74 5.74
C MET B 125 -19.74 -2.82 6.90
N GLY B 126 -18.51 -2.34 6.91
CA GLY B 126 -18.11 -1.23 7.76
C GLY B 126 -17.78 -1.58 9.18
N GLN B 127 -17.87 -2.85 9.54
CA GLN B 127 -17.49 -3.29 10.89
C GLN B 127 -15.98 -3.44 11.01
N PRO B 128 -15.34 -2.72 11.98
CA PRO B 128 -13.97 -3.11 12.32
C PRO B 128 -13.91 -4.63 12.46
N LEU B 129 -12.96 -5.24 11.77
CA LEU B 129 -13.05 -6.65 11.37
C LEU B 129 -13.33 -7.67 12.47
N GLN B 130 -14.52 -8.29 12.40
CA GLN B 130 -14.92 -9.40 13.28
C GLN B 130 -14.09 -10.66 12.98
N VAL B 131 -12.80 -10.55 13.30
CA VAL B 131 -11.77 -11.46 12.82
C VAL B 131 -11.48 -12.61 13.79
C1 478 C . 8.51 5.09 0.93
C2 478 C . 7.96 4.25 -1.25
C3 478 C . 7.46 1.60 0.28
C4 478 C . 8.45 3.81 0.11
C5 478 C . 6.13 -0.50 0.34
C6 478 C . 4.98 -0.62 -0.68
C7 478 C . 5.97 -1.27 1.67
C8 478 C . 7.13 -0.95 2.61
C9 478 C . 6.89 -0.19 3.76
C10 478 C . 8.45 -1.40 2.35
C11 478 C . 7.92 0.14 4.65
C12 478 C . 9.47 -1.05 3.25
C13 478 C . 9.22 -0.28 4.37
C14 478 C . 4.75 -2.02 -1.28
C15 478 C . 5.39 -2.24 -3.67
C16 478 C . 5.45 -0.81 -4.26
C17 478 C . 6.17 -4.97 -2.10
C18 478 C . 5.54 -5.68 -1.06
C19 478 C . 4.99 -6.94 -1.30
C20 478 C . 5.05 -7.48 -2.59
C21 478 C . 5.67 -6.78 -3.61
C22 478 C . 6.23 -5.52 -3.37
C23 478 C . 6.83 -0.18 -4.15
C24 478 C . 5.06 -0.79 -5.74
C25 478 C . 7.66 5.75 -1.07
N1 478 C . 6.39 0.90 0.69
N2 478 C . 5.84 -2.27 -2.25
N3 478 C . 4.51 -8.70 -2.86
O1 478 C . 7.47 2.98 0.72
O2 478 C . 8.36 1.17 -0.43
O3 478 C . 3.72 -0.14 -0.15
O4 478 C . 6.96 -3.46 -0.37
O5 478 C . 8.03 -3.32 -2.51
O6 478 C . 7.54 5.94 0.32
S1 478 C . 6.79 -3.52 -1.80
#